data_9HJ1
#
_entry.id   9HJ1
#
_cell.length_a   1.00
_cell.length_b   1.00
_cell.length_c   1.00
_cell.angle_alpha   90.00
_cell.angle_beta   90.00
_cell.angle_gamma   90.00
#
_symmetry.space_group_name_H-M   'P 1'
#
loop_
_entity.id
_entity.type
_entity.pdbx_description
1 polymer Cyclin-A2
2 polymer 'Cyclin-dependent kinase 2'
3 polymer SCAPER
#
loop_
_entity_poly.entity_id
_entity_poly.type
_entity_poly.pdbx_seq_one_letter_code
_entity_poly.pdbx_strand_id
1 'polypeptide(L)'
;MLGNSAPGPATREAGSALLALQQTALQEDQENINPEKAAPVQQPRTRAALAVLKSGNPRGLAQQQRPKTRRVAPLKDLPV
NDEHVTVPPWKANSKQPAFTIHVDEAEKEAQKKPAESQKIEREDALAFNSAISLPGPRKPLVPLDYPMDGSFESPHTMDM
SIVLEDEKPVSVNEVPDYHEDIHTYLREMEVKCKPKVGYMKKQPDITNSMRAILVDWLVEVGEEYKLQNETLHLAVNYID
RFLSSMSVLRGKLQLVGTAAMLLASKFEEIYPPEVAEFVYITDDTYTKKQVLRMEHLVLKVLTFDLAAPTVNQFLTQYFL
HQQPANCKVESLAMFLGELSLIDADPYLKYLPSVIAGAAFHLALYTVTGQSWPESLIRKTGYTLESLKPCLMDLHQTYLK
APQHAQQSIREKYKNSKYHGVSLLNPPETLNL
;
A
2 'polypeptide(L)'
;MENFQKVEKIGEGTYGVVYKARNKLTGEVVALKKIRLDTETEGVPSTAIREISLLKELNHPNIVKLLDVIHTENKLYLVF
EFLHQDLKKFMDASALTGIPLPLIKSYLFQLLQGLAFCHSHRVLHRDLKPQNLLINTEGAIKLADFGLARAFGVPVRTYT
HEVVTLWYRAPEILLGCKYYSTAVDIWSLGCIFAEMVTRRALFPGDSEIDQLFRIFRTLGTPDEVVWPGVTSMPDYKPSF
PKWARQDFSKVVPPLDEDGRSLLSQMLHYDPNKRISAKAALAHPFFQDVTKPVPHLR
;
B
3 'polypeptide(L)' SNARRSINFGGST C
#
# COMPACT_ATOMS: atom_id res chain seq x y z
N TYR A 178 4.69 -1.88 -14.97
CA TYR A 178 5.12 -2.38 -13.68
C TYR A 178 4.12 -3.37 -13.11
N HIS A 179 3.00 -3.57 -13.81
CA HIS A 179 1.95 -4.45 -13.34
C HIS A 179 2.44 -5.89 -13.23
N GLU A 180 3.17 -6.36 -14.25
CA GLU A 180 3.74 -7.70 -14.19
C GLU A 180 4.77 -7.82 -13.08
N ASP A 181 5.56 -6.76 -12.86
CA ASP A 181 6.49 -6.75 -11.74
C ASP A 181 5.75 -6.83 -10.42
N ILE A 182 4.63 -6.13 -10.28
CA ILE A 182 3.85 -6.20 -9.06
C ILE A 182 3.29 -7.61 -8.86
N HIS A 183 2.81 -8.24 -9.92
CA HIS A 183 2.29 -9.60 -9.79
C HIS A 183 3.38 -10.57 -9.37
N THR A 184 4.58 -10.45 -9.98
CA THR A 184 5.69 -11.31 -9.61
C THR A 184 6.10 -11.08 -8.16
N TYR A 185 6.16 -9.82 -7.73
CA TYR A 185 6.52 -9.54 -6.35
C TYR A 185 5.48 -10.07 -5.38
N LEU A 186 4.19 -9.98 -5.73
CA LEU A 186 3.14 -10.54 -4.89
C LEU A 186 3.25 -12.05 -4.80
N ARG A 187 3.53 -12.71 -5.93
CA ARG A 187 3.70 -14.16 -5.92
C ARG A 187 4.89 -14.57 -5.06
N GLU A 188 5.96 -13.78 -5.09
CA GLU A 188 7.11 -14.06 -4.24
C GLU A 188 6.81 -13.81 -2.77
N MET A 189 6.05 -12.74 -2.48
CA MET A 189 5.83 -12.33 -1.10
C MET A 189 4.81 -13.24 -0.41
N GLU A 190 3.85 -13.79 -1.15
CA GLU A 190 2.81 -14.61 -0.53
C GLU A 190 3.40 -15.86 0.10
N VAL A 191 4.54 -16.34 -0.41
CA VAL A 191 5.21 -17.47 0.22
C VAL A 191 5.80 -17.06 1.57
N LYS A 192 6.45 -15.90 1.63
CA LYS A 192 7.06 -15.43 2.87
C LYS A 192 6.02 -15.07 3.92
N CYS A 193 4.81 -14.71 3.51
CA CYS A 193 3.73 -14.39 4.43
C CYS A 193 2.75 -15.54 4.60
N LYS A 194 3.11 -16.74 4.13
CA LYS A 194 2.23 -17.89 4.24
C LYS A 194 2.18 -18.39 5.68
N PRO A 195 1.00 -18.51 6.28
CA PRO A 195 0.93 -19.08 7.63
C PRO A 195 1.28 -20.57 7.63
N LYS A 196 1.75 -21.04 8.78
CA LYS A 196 2.10 -22.45 8.92
C LYS A 196 0.87 -23.32 8.68
N VAL A 197 1.03 -24.35 7.85
CA VAL A 197 -0.07 -25.24 7.51
C VAL A 197 -0.34 -26.17 8.69
N GLY A 198 -1.60 -26.28 9.08
CA GLY A 198 -1.97 -27.12 10.20
C GLY A 198 -1.43 -26.66 11.55
N TYR A 199 -1.44 -25.36 11.81
CA TYR A 199 -1.01 -24.85 13.10
C TYR A 199 -2.05 -25.06 14.19
N MET A 200 -3.30 -25.32 13.82
CA MET A 200 -4.33 -25.56 14.83
C MET A 200 -4.09 -26.86 15.57
N LYS A 201 -3.39 -27.81 14.95
CA LYS A 201 -3.00 -29.02 15.66
C LYS A 201 -2.05 -28.70 16.80
N LYS A 202 -1.13 -27.76 16.59
CA LYS A 202 -0.22 -27.32 17.64
C LYS A 202 -0.93 -26.49 18.70
N GLN A 203 -2.06 -25.87 18.38
CA GLN A 203 -2.79 -25.08 19.36
C GLN A 203 -3.53 -26.01 20.31
N PRO A 204 -3.25 -25.97 21.61
CA PRO A 204 -3.89 -26.92 22.54
C PRO A 204 -5.24 -26.48 23.06
N ASP A 205 -5.66 -25.25 22.80
CA ASP A 205 -6.86 -24.71 23.41
C ASP A 205 -7.93 -24.28 22.40
N ILE A 206 -7.54 -23.81 21.22
CA ILE A 206 -8.49 -23.32 20.22
C ILE A 206 -8.53 -24.31 19.06
N THR A 207 -9.68 -24.37 18.40
CA THR A 207 -9.91 -25.27 17.28
C THR A 207 -10.34 -24.46 16.05
N ASN A 208 -10.43 -25.16 14.91
CA ASN A 208 -10.77 -24.49 13.66
C ASN A 208 -12.17 -23.89 13.69
N SER A 209 -13.09 -24.48 14.45
CA SER A 209 -14.40 -23.88 14.61
C SER A 209 -14.31 -22.52 15.29
N MET A 210 -13.43 -22.41 16.29
CA MET A 210 -13.21 -21.12 16.95
C MET A 210 -12.67 -20.08 15.97
N ARG A 211 -11.73 -20.49 15.11
CA ARG A 211 -11.20 -19.57 14.11
C ARG A 211 -12.28 -19.16 13.12
N ALA A 212 -13.16 -20.09 12.74
CA ALA A 212 -14.26 -19.74 11.84
C ALA A 212 -15.21 -18.75 12.48
N ILE A 213 -15.52 -18.94 13.76
CA ILE A 213 -16.38 -18.01 14.47
C ILE A 213 -15.71 -16.63 14.56
N LEU A 214 -14.40 -16.62 14.82
CA LEU A 214 -13.68 -15.35 14.91
C LEU A 214 -13.70 -14.63 13.56
N VAL A 215 -13.50 -15.35 12.46
CA VAL A 215 -13.53 -14.72 11.15
C VAL A 215 -14.93 -14.21 10.82
N ASP A 216 -15.97 -14.95 11.21
CA ASP A 216 -17.33 -14.47 11.02
C ASP A 216 -17.57 -13.17 11.79
N TRP A 217 -17.12 -13.11 13.04
CA TRP A 217 -17.26 -11.90 13.82
C TRP A 217 -16.45 -10.76 13.23
N LEU A 218 -15.29 -11.06 12.63
CA LEU A 218 -14.50 -10.02 11.98
C LEU A 218 -15.20 -9.49 10.74
N VAL A 219 -15.87 -10.36 9.98
CA VAL A 219 -16.68 -9.91 8.86
C VAL A 219 -17.79 -8.99 9.36
N GLU A 220 -18.45 -9.37 10.44
CA GLU A 220 -19.50 -8.52 11.01
C GLU A 220 -18.95 -7.16 11.44
N VAL A 221 -17.76 -7.17 12.07
CA VAL A 221 -17.15 -5.93 12.53
C VAL A 221 -16.77 -5.04 11.35
N GLY A 222 -16.19 -5.62 10.31
CA GLY A 222 -15.84 -4.84 9.13
C GLY A 222 -17.06 -4.26 8.45
N GLU A 223 -18.17 -5.00 8.45
CA GLU A 223 -19.43 -4.44 7.95
C GLU A 223 -19.90 -3.29 8.83
N GLU A 224 -19.77 -3.43 10.16
CA GLU A 224 -20.24 -2.40 11.07
C GLU A 224 -19.47 -1.10 10.89
N TYR A 225 -18.15 -1.18 10.74
CA TYR A 225 -17.30 0.00 10.66
C TYR A 225 -16.91 0.35 9.23
N LYS A 226 -17.57 -0.26 8.23
CA LYS A 226 -17.36 0.07 6.82
C LYS A 226 -15.91 -0.14 6.40
N LEU A 227 -15.29 -1.18 6.94
CA LEU A 227 -13.92 -1.51 6.57
C LEU A 227 -13.90 -2.21 5.21
N GLN A 228 -12.79 -2.05 4.49
CA GLN A 228 -12.65 -2.68 3.20
C GLN A 228 -12.40 -4.18 3.35
N ASN A 229 -12.62 -4.90 2.24
CA ASN A 229 -12.39 -6.34 2.25
C ASN A 229 -10.91 -6.68 2.44
N GLU A 230 -10.03 -5.83 1.91
CA GLU A 230 -8.59 -6.06 2.08
C GLU A 230 -8.21 -5.98 3.55
N THR A 231 -8.85 -5.09 4.31
CA THR A 231 -8.59 -5.01 5.75
C THR A 231 -8.96 -6.32 6.44
N LEU A 232 -10.10 -6.90 6.07
CA LEU A 232 -10.50 -8.18 6.67
C LEU A 232 -9.54 -9.29 6.28
N HIS A 233 -9.12 -9.33 5.01
CA HIS A 233 -8.17 -10.35 4.58
C HIS A 233 -6.84 -10.20 5.32
N LEU A 234 -6.37 -8.97 5.48
CA LEU A 234 -5.13 -8.73 6.22
C LEU A 234 -5.26 -9.16 7.67
N ALA A 235 -6.41 -8.87 8.30
CA ALA A 235 -6.62 -9.30 9.67
C ALA A 235 -6.61 -10.82 9.79
N VAL A 236 -7.24 -11.50 8.84
CA VAL A 236 -7.25 -12.96 8.86
C VAL A 236 -5.83 -13.50 8.70
N ASN A 237 -5.05 -12.91 7.79
CA ASN A 237 -3.66 -13.34 7.61
C ASN A 237 -2.84 -13.12 8.87
N TYR A 238 -3.02 -11.96 9.52
CA TYR A 238 -2.30 -11.69 10.76
C TYR A 238 -2.66 -12.69 11.84
N ILE A 239 -3.96 -13.01 11.96
CA ILE A 239 -4.38 -13.99 12.96
C ILE A 239 -3.76 -15.35 12.67
N ASP A 240 -3.79 -15.77 11.41
CA ASP A 240 -3.23 -17.07 11.06
C ASP A 240 -1.74 -17.15 11.38
N ARG A 241 -0.99 -16.10 11.02
CA ARG A 241 0.44 -16.11 11.29
C ARG A 241 0.72 -16.05 12.80
N PHE A 242 -0.01 -15.22 13.54
CA PHE A 242 0.21 -15.10 14.97
C PHE A 242 -0.09 -16.41 15.69
N LEU A 243 -1.19 -17.06 15.32
CA LEU A 243 -1.52 -18.35 15.93
C LEU A 243 -0.57 -19.45 15.47
N SER A 244 0.04 -19.29 14.28
CA SER A 244 1.11 -20.20 13.88
C SER A 244 2.32 -20.03 14.80
N SER A 245 2.65 -18.80 15.16
CA SER A 245 3.81 -18.53 15.99
C SER A 245 3.54 -18.58 17.49
N MET A 246 2.29 -18.36 17.91
CA MET A 246 1.97 -18.25 19.32
C MET A 246 0.79 -19.13 19.68
N SER A 247 0.69 -19.47 20.96
CA SER A 247 -0.41 -20.25 21.51
C SER A 247 -1.36 -19.34 22.27
N VAL A 248 -2.64 -19.43 21.95
CA VAL A 248 -3.66 -18.53 22.49
C VAL A 248 -4.79 -19.35 23.08
N LEU A 249 -5.24 -18.94 24.27
CA LEU A 249 -6.32 -19.63 24.97
C LEU A 249 -7.68 -19.21 24.38
N ARG A 250 -8.75 -19.76 24.96
CA ARG A 250 -10.10 -19.43 24.49
C ARG A 250 -10.41 -17.95 24.71
N GLY A 251 -10.06 -17.42 25.89
CA GLY A 251 -10.45 -16.07 26.23
C GLY A 251 -9.66 -14.99 25.54
N LYS A 252 -8.55 -15.34 24.89
CA LYS A 252 -7.71 -14.37 24.20
C LYS A 252 -7.81 -14.44 22.69
N LEU A 253 -8.60 -15.37 22.15
CA LEU A 253 -8.74 -15.45 20.70
C LEU A 253 -9.43 -14.21 20.14
N GLN A 254 -10.47 -13.73 20.81
CA GLN A 254 -11.12 -12.50 20.37
C GLN A 254 -10.20 -11.31 20.52
N LEU A 255 -9.36 -11.30 21.55
CA LEU A 255 -8.38 -10.22 21.69
C LEU A 255 -7.38 -10.24 20.55
N VAL A 256 -6.92 -11.42 20.15
CA VAL A 256 -6.01 -11.54 19.01
C VAL A 256 -6.68 -11.06 17.75
N GLY A 257 -7.94 -11.47 17.53
CA GLY A 257 -8.67 -11.00 16.37
C GLY A 257 -8.86 -9.49 16.35
N THR A 258 -9.15 -8.91 17.52
CA THR A 258 -9.30 -7.47 17.63
C THR A 258 -8.00 -6.74 17.32
N ALA A 259 -6.88 -7.24 17.85
CA ALA A 259 -5.59 -6.63 17.56
C ALA A 259 -5.25 -6.73 16.08
N ALA A 260 -5.54 -7.88 15.47
CA ALA A 260 -5.28 -8.03 14.03
C ALA A 260 -6.15 -7.09 13.22
N MET A 261 -7.42 -6.93 13.59
CA MET A 261 -8.30 -5.99 12.90
C MET A 261 -7.79 -4.56 13.03
N LEU A 262 -7.36 -4.18 14.23
CA LEU A 262 -6.82 -2.84 14.42
C LEU A 262 -5.57 -2.61 13.59
N LEU A 263 -4.67 -3.61 13.56
CA LEU A 263 -3.45 -3.47 12.77
C LEU A 263 -3.75 -3.37 11.28
N ALA A 264 -4.69 -4.20 10.79
CA ALA A 264 -5.05 -4.15 9.38
C ALA A 264 -5.70 -2.83 9.03
N SER A 265 -6.56 -2.30 9.91
CA SER A 265 -7.17 -1.00 9.66
C SER A 265 -6.13 0.11 9.63
N LYS A 266 -5.17 0.07 10.56
CA LYS A 266 -4.11 1.07 10.56
C LYS A 266 -3.27 0.98 9.29
N PHE A 267 -2.97 -0.23 8.84
CA PHE A 267 -2.15 -0.39 7.64
C PHE A 267 -2.88 0.02 6.39
N GLU A 268 -4.18 -0.28 6.29
CA GLU A 268 -4.92 -0.16 5.05
C GLU A 268 -5.88 1.03 5.00
N GLU A 269 -6.63 1.28 6.07
CA GLU A 269 -7.67 2.29 6.02
C GLU A 269 -7.08 3.70 6.04
N ILE A 270 -7.79 4.62 5.40
CA ILE A 270 -7.42 6.04 5.44
C ILE A 270 -7.57 6.58 6.86
N TYR A 271 -8.72 6.32 7.48
CA TYR A 271 -9.02 6.73 8.84
C TYR A 271 -9.39 5.47 9.64
N PRO A 272 -8.40 4.77 10.20
CA PRO A 272 -8.71 3.56 10.95
C PRO A 272 -9.51 3.90 12.19
N PRO A 273 -10.38 2.99 12.65
CA PRO A 273 -11.15 3.25 13.86
C PRO A 273 -10.26 3.35 15.09
N GLU A 274 -10.75 4.07 16.09
CA GLU A 274 -10.01 4.24 17.33
C GLU A 274 -9.93 2.91 18.07
N VAL A 275 -8.99 2.85 19.02
CA VAL A 275 -8.88 1.67 19.87
C VAL A 275 -10.14 1.49 20.71
N ALA A 276 -10.72 2.61 21.15
CA ALA A 276 -11.96 2.54 21.93
C ALA A 276 -13.09 1.95 21.11
N GLU A 277 -13.09 2.18 19.79
CA GLU A 277 -14.10 1.58 18.94
C GLU A 277 -14.02 0.05 18.96
N PHE A 278 -12.80 -0.49 18.89
CA PHE A 278 -12.64 -1.94 18.94
C PHE A 278 -12.94 -2.48 20.34
N VAL A 279 -12.58 -1.73 21.38
CA VAL A 279 -12.92 -2.14 22.74
C VAL A 279 -14.44 -2.23 22.90
N TYR A 280 -15.15 -1.25 22.37
CA TYR A 280 -16.62 -1.29 22.40
C TYR A 280 -17.15 -2.45 21.57
N ILE A 281 -16.59 -2.69 20.39
CA ILE A 281 -17.10 -3.74 19.52
C ILE A 281 -16.83 -5.13 20.08
N THR A 282 -15.86 -5.27 20.98
CA THR A 282 -15.65 -6.53 21.67
C THR A 282 -16.61 -6.71 22.85
N ASP A 283 -17.65 -5.89 22.94
CA ASP A 283 -18.58 -5.89 24.08
C ASP A 283 -17.85 -5.71 25.40
N ASP A 284 -16.77 -4.92 25.37
CA ASP A 284 -15.96 -4.61 26.55
C ASP A 284 -15.41 -5.88 27.20
N THR A 285 -15.10 -6.89 26.40
CA THR A 285 -14.44 -8.08 26.92
C THR A 285 -13.04 -7.75 27.42
N TYR A 286 -12.32 -6.89 26.68
CA TYR A 286 -10.97 -6.49 27.02
C TYR A 286 -10.90 -4.98 27.11
N THR A 287 -10.00 -4.49 27.96
CA THR A 287 -9.83 -3.05 28.14
C THR A 287 -8.95 -2.50 27.02
N LYS A 288 -8.83 -1.17 26.97
CA LYS A 288 -7.99 -0.54 25.97
C LYS A 288 -6.52 -0.91 26.16
N LYS A 289 -6.08 -1.00 27.42
CA LYS A 289 -4.70 -1.41 27.69
C LYS A 289 -4.45 -2.83 27.21
N GLN A 290 -5.41 -3.73 27.42
CA GLN A 290 -5.26 -5.11 26.94
C GLN A 290 -5.18 -5.15 25.41
N VAL A 291 -6.02 -4.37 24.74
CA VAL A 291 -6.00 -4.35 23.27
C VAL A 291 -4.67 -3.82 22.77
N LEU A 292 -4.15 -2.75 23.39
CA LEU A 292 -2.88 -2.20 22.96
C LEU A 292 -1.73 -3.17 23.23
N ARG A 293 -1.76 -3.85 24.36
CA ARG A 293 -0.73 -4.84 24.66
C ARG A 293 -0.76 -5.99 23.65
N MET A 294 -1.96 -6.46 23.30
CA MET A 294 -2.06 -7.52 22.30
C MET A 294 -1.61 -7.03 20.93
N GLU A 295 -1.89 -5.77 20.59
CA GLU A 295 -1.40 -5.21 19.35
C GLU A 295 0.12 -5.17 19.32
N HIS A 296 0.74 -4.76 20.43
CA HIS A 296 2.19 -4.78 20.52
C HIS A 296 2.74 -6.19 20.39
N LEU A 297 2.09 -7.16 21.03
CA LEU A 297 2.54 -8.55 20.94
C LEU A 297 2.44 -9.08 19.51
N VAL A 298 1.35 -8.76 18.81
CA VAL A 298 1.20 -9.22 17.43
C VAL A 298 2.23 -8.55 16.53
N LEU A 299 2.49 -7.25 16.73
CA LEU A 299 3.50 -6.56 15.94
C LEU A 299 4.87 -7.16 16.17
N LYS A 300 5.20 -7.49 17.42
CA LYS A 300 6.48 -8.13 17.71
C LYS A 300 6.56 -9.51 17.06
N VAL A 301 5.46 -10.27 17.12
CA VAL A 301 5.46 -11.62 16.54
C VAL A 301 5.56 -11.54 15.02
N LEU A 302 4.75 -10.67 14.41
CA LEU A 302 4.79 -10.53 12.95
C LEU A 302 6.02 -9.78 12.47
N THR A 303 6.79 -9.18 13.37
CA THR A 303 7.99 -8.41 13.02
C THR A 303 7.66 -7.31 12.01
N PHE A 304 6.50 -6.68 12.19
CA PHE A 304 6.03 -5.58 11.35
C PHE A 304 5.93 -5.98 9.88
N ASP A 305 5.61 -7.25 9.61
CA ASP A 305 5.39 -7.72 8.25
C ASP A 305 3.89 -7.69 7.95
N LEU A 306 3.36 -6.48 7.90
CA LEU A 306 1.93 -6.26 7.75
C LEU A 306 1.48 -6.06 6.31
N ALA A 307 2.39 -6.20 5.34
CA ALA A 307 2.07 -6.00 3.92
C ALA A 307 1.84 -7.34 3.22
N ALA A 308 1.23 -8.29 3.91
CA ALA A 308 1.04 -9.62 3.34
C ALA A 308 0.07 -9.58 2.17
N PRO A 309 0.40 -10.19 1.04
CA PRO A 309 -0.57 -10.29 -0.06
C PRO A 309 -1.78 -11.11 0.35
N THR A 310 -2.94 -10.73 -0.18
CA THR A 310 -4.20 -11.37 0.13
C THR A 310 -4.85 -11.88 -1.14
N VAL A 311 -5.98 -12.57 -0.98
CA VAL A 311 -6.76 -13.03 -2.12
C VAL A 311 -7.35 -11.84 -2.86
N ASN A 312 -7.65 -10.75 -2.14
CA ASN A 312 -8.24 -9.58 -2.77
C ASN A 312 -7.31 -8.96 -3.81
N GLN A 313 -6.02 -8.86 -3.50
CA GLN A 313 -5.08 -8.23 -4.42
C GLN A 313 -4.92 -9.05 -5.70
N PHE A 314 -4.72 -10.37 -5.55
CA PHE A 314 -4.61 -11.22 -6.72
C PHE A 314 -5.91 -11.23 -7.52
N LEU A 315 -7.05 -11.19 -6.83
CA LEU A 315 -8.33 -11.14 -7.52
C LEU A 315 -8.46 -9.86 -8.34
N THR A 316 -8.03 -8.72 -7.79
CA THR A 316 -8.07 -7.48 -8.55
C THR A 316 -7.13 -7.53 -9.75
N GLN A 317 -5.94 -8.10 -9.56
CA GLN A 317 -5.01 -8.26 -10.68
C GLN A 317 -5.62 -9.12 -11.78
N TYR A 318 -6.33 -10.19 -11.40
CA TYR A 318 -7.00 -11.02 -12.39
C TYR A 318 -8.16 -10.28 -13.04
N PHE A 319 -8.87 -9.44 -12.30
CA PHE A 319 -9.94 -8.64 -12.88
C PHE A 319 -9.40 -7.67 -13.92
N LEU A 320 -8.17 -7.19 -13.74
CA LEU A 320 -7.56 -6.33 -14.75
C LEU A 320 -7.32 -7.07 -16.06
N HIS A 321 -7.40 -8.41 -16.05
CA HIS A 321 -7.13 -9.22 -17.24
C HIS A 321 -8.39 -9.90 -17.77
N GLN A 322 -9.56 -9.35 -17.50
CA GLN A 322 -10.81 -9.90 -17.99
C GLN A 322 -11.55 -8.88 -18.84
N GLN A 323 -12.15 -9.34 -19.94
CA GLN A 323 -12.91 -8.49 -20.84
C GLN A 323 -14.01 -9.33 -21.46
N PRO A 324 -15.28 -8.89 -21.40
CA PRO A 324 -15.76 -7.63 -20.80
C PRO A 324 -15.75 -7.67 -19.28
N ALA A 325 -15.56 -6.53 -18.63
CA ALA A 325 -15.46 -6.47 -17.18
C ALA A 325 -16.83 -6.63 -16.57
N ASN A 326 -17.21 -7.88 -16.28
CA ASN A 326 -18.48 -8.17 -15.65
C ASN A 326 -18.38 -7.91 -14.15
N CYS A 327 -19.18 -6.98 -13.65
CA CYS A 327 -19.16 -6.67 -12.23
C CYS A 327 -19.67 -7.84 -11.40
N LYS A 328 -20.58 -8.65 -11.97
CA LYS A 328 -21.05 -9.83 -11.26
C LYS A 328 -19.92 -10.84 -11.06
N VAL A 329 -19.05 -10.99 -12.07
CA VAL A 329 -17.89 -11.85 -11.93
C VAL A 329 -17.02 -11.40 -10.76
N GLU A 330 -16.74 -10.11 -10.70
CA GLU A 330 -15.89 -9.59 -9.63
C GLU A 330 -16.55 -9.76 -8.26
N SER A 331 -17.84 -9.48 -8.17
CA SER A 331 -18.55 -9.61 -6.90
C SER A 331 -18.57 -11.06 -6.43
N LEU A 332 -18.83 -12.01 -7.34
CA LEU A 332 -18.83 -13.42 -6.95
C LEU A 332 -17.43 -13.89 -6.59
N ALA A 333 -16.40 -13.41 -7.28
CA ALA A 333 -15.04 -13.77 -6.93
C ALA A 333 -14.66 -13.26 -5.54
N MET A 334 -15.04 -12.02 -5.23
CA MET A 334 -14.85 -11.51 -3.87
C MET A 334 -15.62 -12.34 -2.85
N PHE A 335 -16.85 -12.72 -3.17
CA PHE A 335 -17.65 -13.52 -2.24
C PHE A 335 -16.98 -14.85 -1.95
N LEU A 336 -16.48 -15.53 -2.99
CA LEU A 336 -15.82 -16.82 -2.79
C LEU A 336 -14.49 -16.66 -2.05
N GLY A 337 -13.73 -15.61 -2.37
CA GLY A 337 -12.49 -15.38 -1.66
C GLY A 337 -12.71 -15.11 -0.19
N GLU A 338 -13.77 -14.37 0.14
CA GLU A 338 -14.11 -14.15 1.55
C GLU A 338 -14.60 -15.42 2.20
N LEU A 339 -15.35 -16.24 1.47
CA LEU A 339 -15.78 -17.53 2.00
C LEU A 339 -14.58 -18.41 2.34
N SER A 340 -13.52 -18.33 1.54
CA SER A 340 -12.32 -19.10 1.81
C SER A 340 -11.66 -18.72 3.13
N LEU A 341 -11.93 -17.52 3.65
CA LEU A 341 -11.29 -17.08 4.89
C LEU A 341 -11.85 -17.81 6.10
N ILE A 342 -13.11 -18.23 6.06
CA ILE A 342 -13.76 -18.82 7.24
C ILE A 342 -13.12 -20.15 7.60
N ASP A 343 -12.95 -21.03 6.62
CA ASP A 343 -12.50 -22.39 6.85
C ASP A 343 -10.99 -22.47 6.63
N ALA A 344 -10.24 -22.66 7.72
CA ALA A 344 -8.81 -22.92 7.60
C ALA A 344 -8.57 -24.23 6.86
N ASP A 345 -9.36 -25.26 7.18
CA ASP A 345 -9.35 -26.50 6.42
C ASP A 345 -10.40 -26.41 5.31
N PRO A 346 -10.02 -26.56 4.03
CA PRO A 346 -8.69 -26.84 3.51
C PRO A 346 -8.04 -25.64 2.82
N TYR A 347 -8.36 -24.41 3.20
CA TYR A 347 -7.89 -23.24 2.47
C TYR A 347 -6.61 -22.66 3.01
N LEU A 348 -6.01 -23.29 4.02
CA LEU A 348 -4.72 -22.85 4.52
C LEU A 348 -3.54 -23.54 3.85
N LYS A 349 -3.80 -24.54 3.01
CA LYS A 349 -2.75 -25.20 2.24
C LYS A 349 -2.68 -24.69 0.80
N TYR A 350 -3.48 -23.70 0.45
CA TYR A 350 -3.47 -23.10 -0.88
C TYR A 350 -2.96 -21.67 -0.78
N LEU A 351 -2.07 -21.30 -1.71
CA LEU A 351 -1.56 -19.94 -1.76
C LEU A 351 -2.70 -18.98 -2.12
N PRO A 352 -2.60 -17.72 -1.68
CA PRO A 352 -3.65 -16.74 -2.03
C PRO A 352 -3.84 -16.57 -3.52
N SER A 353 -2.77 -16.69 -4.32
CA SER A 353 -2.92 -16.62 -5.77
C SER A 353 -3.77 -17.78 -6.29
N VAL A 354 -3.53 -18.99 -5.78
CA VAL A 354 -4.30 -20.14 -6.22
C VAL A 354 -5.77 -20.00 -5.83
N ILE A 355 -6.02 -19.53 -4.60
CA ILE A 355 -7.40 -19.34 -4.15
C ILE A 355 -8.09 -18.29 -5.01
N ALA A 356 -7.39 -17.19 -5.32
CA ALA A 356 -7.97 -16.14 -6.15
C ALA A 356 -8.27 -16.66 -7.55
N GLY A 357 -7.36 -17.45 -8.12
CA GLY A 357 -7.62 -18.01 -9.43
C GLY A 357 -8.79 -18.96 -9.45
N ALA A 358 -8.90 -19.81 -8.43
CA ALA A 358 -10.03 -20.72 -8.33
C ALA A 358 -11.34 -19.94 -8.19
N ALA A 359 -11.34 -18.90 -7.37
CA ALA A 359 -12.54 -18.09 -7.19
C ALA A 359 -12.93 -17.39 -8.49
N PHE A 360 -11.95 -16.86 -9.22
CA PHE A 360 -12.23 -16.19 -10.49
C PHE A 360 -12.83 -17.17 -11.50
N HIS A 361 -12.24 -18.38 -11.60
CA HIS A 361 -12.77 -19.36 -12.53
C HIS A 361 -14.18 -19.79 -12.13
N LEU A 362 -14.40 -20.00 -10.83
CA LEU A 362 -15.73 -20.42 -10.37
C LEU A 362 -16.78 -19.36 -10.66
N ALA A 363 -16.45 -18.09 -10.41
CA ALA A 363 -17.38 -17.01 -10.73
C ALA A 363 -17.66 -16.92 -12.22
N LEU A 364 -16.60 -17.02 -13.03
CA LEU A 364 -16.76 -16.93 -14.47
C LEU A 364 -17.65 -18.05 -14.99
N TYR A 365 -17.46 -19.27 -14.49
CA TYR A 365 -18.30 -20.38 -14.92
C TYR A 365 -19.72 -20.25 -14.38
N THR A 366 -19.88 -19.67 -13.19
CA THR A 366 -21.21 -19.57 -12.58
C THR A 366 -22.08 -18.56 -13.31
N VAL A 367 -21.54 -17.38 -13.61
CA VAL A 367 -22.40 -16.30 -14.10
C VAL A 367 -22.36 -16.21 -15.63
N THR A 368 -21.24 -16.56 -16.24
CA THR A 368 -21.12 -16.53 -17.70
C THR A 368 -20.83 -17.89 -18.32
N GLY A 369 -20.38 -18.87 -17.56
CA GLY A 369 -20.00 -20.14 -18.12
C GLY A 369 -18.61 -20.18 -18.72
N GLN A 370 -17.87 -19.08 -18.65
CA GLN A 370 -16.51 -19.03 -19.18
C GLN A 370 -15.54 -19.68 -18.20
N SER A 371 -14.47 -20.23 -18.75
CA SER A 371 -13.47 -20.95 -17.97
C SER A 371 -12.31 -20.04 -17.62
N TRP A 372 -11.23 -20.63 -17.10
CA TRP A 372 -10.03 -19.89 -16.74
C TRP A 372 -9.41 -19.27 -17.99
N PRO A 373 -9.22 -17.95 -18.03
CA PRO A 373 -8.78 -17.32 -19.28
C PRO A 373 -7.35 -17.69 -19.64
N GLU A 374 -7.07 -17.62 -20.95
CA GLU A 374 -5.73 -17.88 -21.44
C GLU A 374 -4.76 -16.77 -21.01
N SER A 375 -5.25 -15.53 -20.96
CA SER A 375 -4.41 -14.43 -20.52
C SER A 375 -3.94 -14.64 -19.09
N LEU A 376 -4.84 -15.09 -18.20
CA LEU A 376 -4.44 -15.39 -16.84
C LEU A 376 -3.58 -16.64 -16.77
N ILE A 377 -3.77 -17.59 -17.69
CA ILE A 377 -2.90 -18.75 -17.77
C ILE A 377 -1.47 -18.30 -18.04
N ARG A 378 -1.29 -17.38 -18.98
CA ARG A 378 0.05 -16.88 -19.28
C ARG A 378 0.60 -16.02 -18.16
N LYS A 379 -0.24 -15.18 -17.56
CA LYS A 379 0.23 -14.25 -16.54
C LYS A 379 0.65 -14.97 -15.27
N THR A 380 -0.17 -15.91 -14.79
CA THR A 380 0.07 -16.57 -13.52
C THR A 380 0.76 -17.92 -13.64
N GLY A 381 0.70 -18.55 -14.81
CA GLY A 381 1.22 -19.90 -14.96
C GLY A 381 0.29 -20.98 -14.42
N TYR A 382 -0.88 -20.61 -13.93
CA TYR A 382 -1.81 -21.56 -13.33
C TYR A 382 -2.77 -22.05 -14.41
N THR A 383 -2.56 -23.29 -14.86
CA THR A 383 -3.51 -23.90 -15.77
C THR A 383 -4.77 -24.33 -14.99
N LEU A 384 -5.82 -24.67 -15.73
CA LEU A 384 -7.06 -25.09 -15.10
C LEU A 384 -6.88 -26.38 -14.30
N GLU A 385 -5.89 -27.19 -14.65
CA GLU A 385 -5.60 -28.41 -13.89
C GLU A 385 -4.87 -28.10 -12.59
N SER A 386 -4.05 -27.03 -12.58
CA SER A 386 -3.30 -26.70 -11.37
C SER A 386 -4.20 -26.18 -10.26
N LEU A 387 -5.35 -25.60 -10.62
CA LEU A 387 -6.30 -25.11 -9.64
C LEU A 387 -7.34 -26.15 -9.26
N LYS A 388 -7.24 -27.37 -9.79
CA LYS A 388 -8.31 -28.36 -9.62
C LYS A 388 -8.59 -28.70 -8.16
N PRO A 389 -7.60 -28.98 -7.29
CA PRO A 389 -7.95 -29.24 -5.88
C PRO A 389 -8.64 -28.08 -5.21
N CYS A 390 -8.08 -26.88 -5.31
CA CYS A 390 -8.73 -25.69 -4.76
C CYS A 390 -10.06 -25.44 -5.43
N LEU A 391 -10.19 -25.75 -6.72
CA LEU A 391 -11.46 -25.58 -7.42
C LEU A 391 -12.53 -26.48 -6.81
N MET A 392 -12.20 -27.75 -6.58
CA MET A 392 -13.17 -28.66 -5.97
C MET A 392 -13.52 -28.21 -4.55
N ASP A 393 -12.53 -27.80 -3.77
CA ASP A 393 -12.80 -27.36 -2.41
C ASP A 393 -13.70 -26.12 -2.39
N LEU A 394 -13.44 -25.16 -3.28
CA LEU A 394 -14.25 -23.95 -3.32
C LEU A 394 -15.64 -24.23 -3.86
N HIS A 395 -15.78 -25.15 -4.82
CA HIS A 395 -17.10 -25.55 -5.27
C HIS A 395 -17.90 -26.20 -4.16
N GLN A 396 -17.24 -27.05 -3.36
CA GLN A 396 -17.92 -27.66 -2.22
C GLN A 396 -18.34 -26.60 -1.20
N THR A 397 -17.48 -25.62 -0.94
CA THR A 397 -17.85 -24.54 -0.03
C THR A 397 -19.03 -23.74 -0.57
N TYR A 398 -19.00 -23.41 -1.86
CA TYR A 398 -20.07 -22.62 -2.46
C TYR A 398 -21.40 -23.35 -2.42
N LEU A 399 -21.38 -24.66 -2.73
CA LEU A 399 -22.60 -25.45 -2.66
C LEU A 399 -23.14 -25.52 -1.24
N LYS A 400 -22.26 -25.68 -0.26
CA LYS A 400 -22.63 -25.82 1.14
C LYS A 400 -22.68 -24.49 1.88
N ALA A 401 -22.52 -23.37 1.17
CA ALA A 401 -22.52 -22.06 1.83
C ALA A 401 -23.81 -21.77 2.58
N PRO A 402 -25.01 -21.99 2.03
CA PRO A 402 -26.24 -21.70 2.81
C PRO A 402 -26.35 -22.52 4.08
N GLN A 403 -25.77 -23.72 4.12
CA GLN A 403 -25.85 -24.59 5.29
C GLN A 403 -24.70 -24.38 6.27
N HIS A 404 -23.76 -23.50 5.95
CA HIS A 404 -22.60 -23.30 6.82
C HIS A 404 -23.02 -22.65 8.14
N ALA A 405 -22.29 -23.00 9.20
CA ALA A 405 -22.58 -22.47 10.52
C ALA A 405 -22.35 -20.96 10.61
N GLN A 406 -21.49 -20.41 9.77
CA GLN A 406 -21.22 -18.98 9.73
C GLN A 406 -21.84 -18.39 8.47
N GLN A 407 -22.66 -17.35 8.65
CA GLN A 407 -23.43 -16.78 7.55
C GLN A 407 -23.22 -15.29 7.36
N SER A 408 -22.24 -14.69 8.05
CA SER A 408 -22.07 -13.24 7.96
C SER A 408 -21.67 -12.82 6.55
N ILE A 409 -20.81 -13.58 5.89
CA ILE A 409 -20.38 -13.23 4.54
C ILE A 409 -21.55 -13.33 3.57
N ARG A 410 -22.37 -14.36 3.70
CA ARG A 410 -23.52 -14.52 2.81
C ARG A 410 -24.48 -13.35 2.94
N GLU A 411 -24.75 -12.91 4.18
CA GLU A 411 -25.59 -11.73 4.38
C GLU A 411 -24.92 -10.47 3.83
N LYS A 412 -23.60 -10.35 4.01
CA LYS A 412 -22.89 -9.16 3.56
C LYS A 412 -22.95 -9.01 2.04
N TYR A 413 -22.81 -10.11 1.32
CA TYR A 413 -22.79 -10.08 -0.14
C TYR A 413 -24.18 -10.21 -0.74
N LYS A 414 -25.23 -10.14 0.10
CA LYS A 414 -26.61 -10.11 -0.39
C LYS A 414 -27.03 -8.73 -0.87
N ASN A 415 -26.27 -7.69 -0.56
CA ASN A 415 -26.65 -6.33 -0.87
C ASN A 415 -26.45 -6.03 -2.36
N SER A 416 -27.06 -4.92 -2.80
CA SER A 416 -26.91 -4.50 -4.19
C SER A 416 -25.52 -3.97 -4.49
N LYS A 417 -24.73 -3.66 -3.46
CA LYS A 417 -23.35 -3.26 -3.68
C LYS A 417 -22.55 -4.38 -4.33
N TYR A 418 -22.79 -5.62 -3.90
CA TYR A 418 -22.16 -6.80 -4.48
C TYR A 418 -23.10 -7.53 -5.44
N HIS A 419 -24.16 -6.86 -5.90
CA HIS A 419 -25.12 -7.39 -6.87
C HIS A 419 -25.88 -8.60 -6.34
N GLY A 420 -25.84 -8.84 -5.03
CA GLY A 420 -26.54 -9.98 -4.47
C GLY A 420 -26.02 -11.31 -4.97
N VAL A 421 -24.69 -11.46 -5.07
CA VAL A 421 -24.11 -12.67 -5.62
C VAL A 421 -24.36 -13.87 -4.72
N SER A 422 -24.53 -13.65 -3.41
CA SER A 422 -24.77 -14.75 -2.50
C SER A 422 -26.12 -15.43 -2.73
N LEU A 423 -27.04 -14.78 -3.43
CA LEU A 423 -28.32 -15.40 -3.79
C LEU A 423 -28.21 -16.27 -5.03
N LEU A 424 -27.07 -16.24 -5.73
CA LEU A 424 -26.91 -16.98 -6.97
C LEU A 424 -26.74 -18.46 -6.69
N ASN A 425 -27.36 -19.28 -7.53
CA ASN A 425 -27.27 -20.72 -7.36
C ASN A 425 -25.94 -21.23 -7.88
N PRO A 426 -25.16 -21.95 -7.05
CA PRO A 426 -23.90 -22.49 -7.53
C PRO A 426 -24.15 -23.53 -8.61
N PRO A 427 -23.23 -23.67 -9.56
CA PRO A 427 -23.37 -24.74 -10.56
C PRO A 427 -23.34 -26.10 -9.89
N GLU A 428 -24.18 -27.00 -10.38
CA GLU A 428 -24.28 -28.34 -9.79
C GLU A 428 -22.99 -29.13 -10.00
N THR A 429 -22.39 -29.02 -11.19
CA THR A 429 -21.17 -29.71 -11.50
C THR A 429 -20.22 -28.76 -12.23
N LEU A 430 -18.93 -29.05 -12.13
CA LEU A 430 -17.89 -28.31 -12.83
C LEU A 430 -17.40 -29.17 -13.98
N ASN A 431 -17.65 -28.72 -15.21
CA ASN A 431 -17.30 -29.48 -16.41
C ASN A 431 -15.79 -29.37 -16.64
N LEU A 432 -15.05 -30.17 -15.87
CA LEU A 432 -13.59 -30.19 -15.97
C LEU A 432 -13.12 -31.48 -16.63
N MET B 1 18.35 1.32 22.08
CA MET B 1 18.56 2.54 22.88
C MET B 1 19.86 2.40 23.64
N GLU B 2 19.94 1.37 24.49
CA GLU B 2 21.13 1.17 25.32
C GLU B 2 22.38 0.90 24.50
N ASN B 3 22.23 0.51 23.23
CA ASN B 3 23.36 0.24 22.36
C ASN B 3 23.68 1.41 21.43
N PHE B 4 23.11 2.58 21.68
CA PHE B 4 23.31 3.74 20.83
C PHE B 4 23.65 4.95 21.69
N GLN B 5 24.39 5.88 21.10
CA GLN B 5 24.78 7.13 21.75
C GLN B 5 24.33 8.29 20.88
N LYS B 6 23.31 9.01 21.33
CA LYS B 6 22.77 10.12 20.56
C LYS B 6 23.81 11.23 20.44
N VAL B 7 24.22 11.52 19.20
CA VAL B 7 25.23 12.56 18.98
C VAL B 7 24.58 13.93 18.90
N GLU B 8 23.51 14.06 18.13
CA GLU B 8 22.82 15.32 17.97
C GLU B 8 21.40 15.06 17.48
N LYS B 9 20.56 16.09 17.59
CA LYS B 9 19.18 16.05 17.11
C LYS B 9 19.13 16.66 15.72
N ILE B 10 18.67 15.88 14.74
CA ILE B 10 18.68 16.30 13.34
C ILE B 10 17.28 16.54 12.79
N GLY B 11 16.26 16.54 13.64
CA GLY B 11 14.91 16.81 13.17
C GLY B 11 13.93 16.68 14.31
N GLU B 12 12.69 17.04 14.01
CA GLU B 12 11.61 16.98 14.99
C GLU B 12 10.26 16.75 14.33
N TYR B 15 5.38 11.99 12.80
CA TYR B 15 6.48 11.21 13.36
C TYR B 15 7.16 11.96 14.50
N GLY B 16 7.96 11.24 15.29
CA GLY B 16 8.63 11.82 16.44
C GLY B 16 9.97 12.43 16.09
N VAL B 17 10.71 12.78 17.14
CA VAL B 17 12.01 13.41 16.96
C VAL B 17 13.03 12.39 16.48
N VAL B 18 13.86 12.79 15.52
CA VAL B 18 14.90 11.93 14.95
C VAL B 18 16.26 12.47 15.36
N TYR B 19 17.08 11.60 15.94
CA TYR B 19 18.43 11.96 16.37
C TYR B 19 19.47 11.26 15.48
N LYS B 20 20.68 11.78 15.53
CA LYS B 20 21.84 11.13 14.94
C LYS B 20 22.62 10.44 16.05
N ALA B 21 22.83 9.13 15.89
CA ALA B 21 23.40 8.32 16.96
C ALA B 21 24.56 7.49 16.43
N ARG B 22 25.37 7.00 17.37
CA ARG B 22 26.52 6.16 17.08
C ARG B 22 26.31 4.79 17.72
N ASN B 23 26.52 3.74 16.95
CA ASN B 23 26.45 2.39 17.49
C ASN B 23 27.71 2.10 18.30
N LYS B 24 27.52 1.68 19.56
CA LYS B 24 28.67 1.42 20.42
C LYS B 24 29.46 0.20 19.96
N LEU B 25 28.79 -0.82 19.43
CA LEU B 25 29.48 -2.04 19.04
C LEU B 25 30.09 -1.91 17.64
N THR B 26 29.26 -1.68 16.62
CA THR B 26 29.75 -1.65 15.26
C THR B 26 30.49 -0.36 14.93
N GLY B 27 30.13 0.74 15.58
CA GLY B 27 30.77 2.02 15.35
C GLY B 27 30.19 2.86 14.23
N GLU B 28 29.16 2.37 13.55
CA GLU B 28 28.55 3.11 12.44
C GLU B 28 27.55 4.14 12.96
N VAL B 29 27.45 5.25 12.24
CA VAL B 29 26.57 6.35 12.61
C VAL B 29 25.22 6.17 11.91
N VAL B 30 24.14 6.27 12.69
CA VAL B 30 22.80 5.98 12.19
C VAL B 30 21.83 7.06 12.66
N ALA B 31 20.71 7.15 11.96
CA ALA B 31 19.59 7.98 12.39
C ALA B 31 18.72 7.21 13.36
N LEU B 32 18.16 7.92 14.33
CA LEU B 32 17.45 7.31 15.46
C LEU B 32 16.07 7.92 15.61
N LYS B 33 15.31 7.95 14.53
CA LYS B 33 13.93 8.43 14.57
C LYS B 33 13.14 7.65 15.63
N LYS B 34 12.69 8.36 16.66
CA LYS B 34 12.02 7.76 17.80
C LYS B 34 10.55 8.14 17.78
N ILE B 35 9.68 7.15 17.92
CA ILE B 35 8.23 7.35 17.92
C ILE B 35 7.71 7.01 19.31
N ARG B 36 7.00 7.96 19.91
CA ARG B 36 6.46 7.76 21.24
C ARG B 36 5.22 6.87 21.19
N LEU B 37 5.12 5.95 22.16
CA LEU B 37 3.97 5.06 22.29
C LEU B 37 3.24 5.40 23.59
N ASP B 38 1.96 5.72 23.49
CA ASP B 38 1.16 6.09 24.65
C ASP B 38 -0.11 5.25 24.72
N THR B 41 -2.50 7.15 23.30
CA THR B 41 -3.87 6.66 23.49
C THR B 41 -4.41 6.05 22.20
N GLU B 42 -3.50 5.69 21.30
CA GLU B 42 -3.89 5.07 20.05
C GLU B 42 -2.98 3.92 19.66
N GLY B 43 -2.07 3.50 20.53
CA GLY B 43 -1.13 2.46 20.18
C GLY B 43 -0.04 2.95 19.25
N VAL B 44 0.52 2.02 18.50
CA VAL B 44 1.54 2.38 17.50
C VAL B 44 0.88 3.21 16.39
N PRO B 45 1.45 4.35 16.01
CA PRO B 45 0.83 5.17 14.96
C PRO B 45 0.74 4.42 13.64
N SER B 46 -0.31 4.72 12.88
CA SER B 46 -0.50 4.09 11.59
C SER B 46 0.63 4.48 10.62
N THR B 47 1.08 5.72 10.68
CA THR B 47 2.17 6.16 9.82
C THR B 47 3.44 5.37 10.10
N ALA B 48 3.79 5.20 11.38
CA ALA B 48 4.95 4.41 11.72
C ALA B 48 4.80 2.95 11.31
N ILE B 49 3.59 2.40 11.49
CA ILE B 49 3.33 1.01 11.10
C ILE B 49 3.56 0.83 9.61
N ARG B 50 2.99 1.73 8.80
CA ARG B 50 3.18 1.65 7.35
C ARG B 50 4.63 1.84 6.96
N GLU B 51 5.31 2.79 7.60
CA GLU B 51 6.71 3.05 7.28
C GLU B 51 7.58 1.83 7.54
N ILE B 52 7.40 1.20 8.71
CA ILE B 52 8.20 0.03 9.04
C ILE B 52 7.85 -1.15 8.14
N SER B 53 6.55 -1.36 7.89
CA SER B 53 6.16 -2.52 7.09
C SER B 53 6.63 -2.40 5.65
N LEU B 54 6.53 -1.21 5.05
CA LEU B 54 6.89 -1.06 3.64
C LEU B 54 8.39 -0.87 3.45
N LEU B 55 9.06 -0.17 4.38
CA LEU B 55 10.47 0.12 4.21
C LEU B 55 11.33 -1.12 4.37
N LYS B 56 10.93 -2.04 5.25
CA LYS B 56 11.75 -3.23 5.51
C LYS B 56 11.73 -4.23 4.36
N GLU B 57 10.81 -4.08 3.40
CA GLU B 57 10.83 -4.89 2.19
C GLU B 57 11.36 -4.14 0.98
N LEU B 58 11.75 -2.87 1.14
CA LEU B 58 12.34 -2.09 0.06
C LEU B 58 13.85 -2.06 0.26
N ASN B 59 14.56 -2.86 -0.52
CA ASN B 59 16.01 -2.96 -0.44
C ASN B 59 16.58 -2.49 -1.78
N HIS B 60 16.78 -1.18 -1.89
CA HIS B 60 17.34 -0.55 -3.08
C HIS B 60 18.43 0.43 -2.67
N PRO B 61 19.47 0.59 -3.51
CA PRO B 61 20.49 1.60 -3.19
C PRO B 61 19.94 3.00 -3.05
N ASN B 62 18.99 3.39 -3.88
CA ASN B 62 18.39 4.73 -3.79
C ASN B 62 17.12 4.74 -2.95
N ILE B 63 17.20 4.15 -1.77
CA ILE B 63 16.12 4.16 -0.78
C ILE B 63 16.76 4.11 0.60
N VAL B 64 16.28 4.95 1.51
CA VAL B 64 16.81 4.94 2.88
C VAL B 64 16.59 3.58 3.49
N LYS B 65 17.66 2.99 4.02
CA LYS B 65 17.63 1.62 4.51
C LYS B 65 17.30 1.61 5.99
N LEU B 66 16.20 0.96 6.35
CA LEU B 66 15.81 0.80 7.75
C LEU B 66 16.53 -0.43 8.30
N LEU B 67 17.57 -0.19 9.10
CA LEU B 67 18.44 -1.27 9.57
C LEU B 67 17.85 -2.04 10.74
N ASP B 68 17.24 -1.37 11.71
CA ASP B 68 16.76 -2.04 12.90
C ASP B 68 15.55 -1.30 13.45
N VAL B 69 14.69 -2.04 14.14
CA VAL B 69 13.49 -1.49 14.79
C VAL B 69 13.56 -1.88 16.26
N ILE B 70 13.83 -0.92 17.13
CA ILE B 70 13.90 -1.17 18.58
C ILE B 70 12.49 -0.91 19.11
N HIS B 71 11.69 -1.97 19.12
CA HIS B 71 10.29 -1.87 19.53
C HIS B 71 10.14 -2.40 20.94
N THR B 72 9.69 -1.53 21.84
CA THR B 72 9.43 -1.87 23.24
C THR B 72 8.00 -1.48 23.59
N GLU B 73 7.63 -1.74 24.85
CA GLU B 73 6.28 -1.43 25.30
C GLU B 73 6.05 0.06 25.49
N ASN B 74 7.10 0.82 25.78
CA ASN B 74 6.97 2.24 26.06
C ASN B 74 7.42 3.14 24.92
N LYS B 75 8.44 2.74 24.16
CA LYS B 75 8.97 3.56 23.08
C LYS B 75 9.27 2.70 21.87
N LEU B 76 9.19 3.31 20.70
CA LEU B 76 9.50 2.66 19.43
C LEU B 76 10.61 3.44 18.74
N TYR B 77 11.67 2.75 18.34
CA TYR B 77 12.82 3.37 17.72
C TYR B 77 13.04 2.80 16.33
N LEU B 78 13.33 3.68 15.38
CA LEU B 78 13.65 3.30 14.01
C LEU B 78 15.09 3.67 13.70
N VAL B 79 15.86 2.72 13.20
CA VAL B 79 17.27 2.91 12.91
C VAL B 79 17.44 2.90 11.40
N PHE B 80 17.74 4.08 10.84
CA PHE B 80 18.02 4.22 9.42
C PHE B 80 19.51 4.49 9.22
N GLU B 81 19.96 4.26 7.99
CA GLU B 81 21.30 4.69 7.61
C GLU B 81 21.37 6.21 7.63
N PHE B 82 22.50 6.75 8.08
CA PHE B 82 22.66 8.18 8.23
C PHE B 82 23.17 8.79 6.93
N LEU B 83 22.45 9.79 6.43
CA LEU B 83 22.86 10.57 5.28
C LEU B 83 23.09 12.01 5.73
N HIS B 84 24.04 12.68 5.08
CA HIS B 84 24.51 13.98 5.56
C HIS B 84 23.38 15.00 5.61
N GLN B 85 22.62 15.15 4.53
CA GLN B 85 21.55 16.12 4.48
C GLN B 85 20.58 15.72 3.37
N ASP B 86 19.46 16.42 3.31
CA ASP B 86 18.43 16.14 2.32
C ASP B 86 18.59 17.09 1.13
N LEU B 87 17.72 16.93 0.14
CA LEU B 87 17.79 17.75 -1.07
C LEU B 87 17.41 19.20 -0.77
N LYS B 88 16.56 19.44 0.22
CA LYS B 88 16.11 20.80 0.51
C LYS B 88 17.26 21.66 1.01
N LYS B 89 18.00 21.18 2.02
CA LYS B 89 19.12 21.96 2.54
C LYS B 89 20.25 22.06 1.53
N PHE B 90 20.47 21.02 0.73
CA PHE B 90 21.49 21.08 -0.31
C PHE B 90 21.14 22.12 -1.36
N MET B 91 19.87 22.19 -1.75
CA MET B 91 19.43 23.21 -2.70
C MET B 91 19.53 24.61 -2.11
N ASP B 92 19.18 24.75 -0.83
CA ASP B 92 19.30 26.05 -0.18
C ASP B 92 20.75 26.51 -0.11
N ALA B 93 21.66 25.59 0.20
CA ALA B 93 23.08 25.92 0.20
C ALA B 93 23.56 26.28 -1.19
N SER B 94 23.10 25.55 -2.21
CA SER B 94 23.44 25.84 -3.60
C SER B 94 22.44 26.79 -4.24
N ALA B 95 22.22 27.94 -3.60
CA ALA B 95 21.30 28.95 -4.09
C ALA B 95 21.99 30.07 -4.87
N LEU B 96 23.15 30.52 -4.38
CA LEU B 96 23.89 31.56 -5.10
C LEU B 96 24.34 31.06 -6.47
N THR B 97 24.83 29.82 -6.53
CA THR B 97 25.19 29.18 -7.78
C THR B 97 24.32 27.94 -7.97
N GLY B 98 23.95 27.67 -9.22
CA GLY B 98 23.06 26.55 -9.49
C GLY B 98 23.74 25.21 -9.27
N ILE B 99 22.93 24.21 -8.96
CA ILE B 99 23.46 22.84 -8.88
C ILE B 99 23.94 22.42 -10.25
N PRO B 100 25.10 21.78 -10.37
CA PRO B 100 25.61 21.41 -11.70
C PRO B 100 24.63 20.49 -12.44
N LEU B 101 24.53 20.70 -13.74
CA LEU B 101 23.63 19.89 -14.56
C LEU B 101 23.94 18.39 -14.49
N PRO B 102 25.19 17.93 -14.56
CA PRO B 102 25.43 16.49 -14.36
C PRO B 102 24.95 15.99 -13.01
N LEU B 103 25.11 16.80 -11.95
CA LEU B 103 24.63 16.40 -10.64
C LEU B 103 23.11 16.31 -10.61
N ILE B 104 22.43 17.26 -11.24
CA ILE B 104 20.97 17.23 -11.32
C ILE B 104 20.51 15.98 -12.06
N LYS B 105 21.16 15.68 -13.20
CA LYS B 105 20.81 14.50 -13.97
C LYS B 105 21.03 13.22 -13.18
N SER B 106 22.16 13.14 -12.46
CA SER B 106 22.43 11.96 -11.64
C SER B 106 21.41 11.80 -10.53
N TYR B 107 21.05 12.91 -9.87
CA TYR B 107 20.08 12.84 -8.79
C TYR B 107 18.71 12.44 -9.31
N LEU B 108 18.31 12.96 -10.48
CA LEU B 108 17.06 12.55 -11.09
C LEU B 108 17.08 11.08 -11.45
N PHE B 109 18.20 10.60 -11.99
CA PHE B 109 18.33 9.18 -12.32
C PHE B 109 18.17 8.31 -11.08
N GLN B 110 18.83 8.69 -9.99
CA GLN B 110 18.74 7.89 -8.76
C GLN B 110 17.34 7.94 -8.16
N LEU B 111 16.71 9.11 -8.16
CA LEU B 111 15.35 9.23 -7.64
C LEU B 111 14.38 8.40 -8.48
N LEU B 112 14.55 8.41 -9.81
CA LEU B 112 13.69 7.61 -10.67
C LEU B 112 13.95 6.12 -10.47
N GLN B 113 15.19 5.73 -10.22
CA GLN B 113 15.48 4.33 -9.93
C GLN B 113 14.80 3.89 -8.63
N GLY B 114 14.86 4.73 -7.60
CA GLY B 114 14.17 4.41 -6.36
C GLY B 114 12.66 4.35 -6.55
N LEU B 115 12.11 5.29 -7.31
CA LEU B 115 10.68 5.29 -7.60
C LEU B 115 10.27 4.05 -8.38
N ALA B 116 11.10 3.63 -9.33
CA ALA B 116 10.80 2.43 -10.10
C ALA B 116 10.89 1.18 -9.25
N PHE B 117 11.83 1.14 -8.29
CA PHE B 117 11.87 0.02 -7.37
C PHE B 117 10.63 0.00 -6.47
N CYS B 118 10.17 1.18 -6.03
CA CYS B 118 8.96 1.25 -5.22
C CYS B 118 7.73 0.82 -6.02
N HIS B 119 7.65 1.24 -7.28
CA HIS B 119 6.48 0.95 -8.10
C HIS B 119 6.49 -0.46 -8.65
N SER B 120 7.67 -1.09 -8.78
CA SER B 120 7.71 -2.52 -9.07
C SER B 120 7.12 -3.31 -7.92
N HIS B 121 7.35 -2.86 -6.70
CA HIS B 121 6.61 -3.33 -5.54
C HIS B 121 5.28 -2.57 -5.51
N ARG B 122 4.55 -2.67 -4.40
CA ARG B 122 3.27 -1.99 -4.27
C ARG B 122 3.37 -0.79 -3.34
N VAL B 123 4.50 -0.08 -3.35
CA VAL B 123 4.74 1.03 -2.44
C VAL B 123 4.56 2.34 -3.21
N LEU B 124 3.66 3.18 -2.73
CA LEU B 124 3.42 4.51 -3.27
C LEU B 124 3.92 5.54 -2.27
N HIS B 125 4.97 6.26 -2.63
CA HIS B 125 5.60 7.18 -1.68
C HIS B 125 4.64 8.28 -1.24
N ARG B 126 4.01 8.96 -2.21
CA ARG B 126 2.96 9.94 -1.96
C ARG B 126 3.46 11.18 -1.22
N ASP B 127 4.74 11.22 -0.85
CA ASP B 127 5.30 12.36 -0.13
C ASP B 127 6.67 12.72 -0.68
N LEU B 128 6.80 12.76 -2.01
CA LEU B 128 8.08 13.06 -2.64
C LEU B 128 8.29 14.56 -2.66
N LYS B 129 9.12 15.05 -1.75
CA LYS B 129 9.52 16.43 -1.68
C LYS B 129 11.00 16.48 -1.34
N PRO B 130 11.68 17.61 -1.64
CA PRO B 130 13.13 17.67 -1.38
C PRO B 130 13.48 17.44 0.08
N GLN B 131 12.57 17.73 1.01
CA GLN B 131 12.81 17.43 2.41
C GLN B 131 12.83 15.94 2.72
N ASN B 132 12.40 15.10 1.77
CA ASN B 132 12.33 13.66 1.98
C ASN B 132 13.33 12.89 1.11
N LEU B 133 14.33 13.58 0.57
CA LEU B 133 15.33 12.97 -0.30
C LEU B 133 16.72 13.28 0.27
N LEU B 134 17.19 12.42 1.18
CA LEU B 134 18.46 12.65 1.83
C LEU B 134 19.62 12.34 0.88
N ILE B 135 20.74 13.02 1.10
CA ILE B 135 21.92 12.93 0.24
C ILE B 135 23.14 12.63 1.11
N ASN B 136 23.95 11.70 0.66
CA ASN B 136 25.23 11.39 1.32
C ASN B 136 26.38 12.08 0.60
N THR B 137 27.56 11.99 1.21
CA THR B 137 28.73 12.69 0.69
C THR B 137 29.28 12.07 -0.59
N GLU B 138 28.90 10.83 -0.89
CA GLU B 138 29.40 10.12 -2.06
C GLU B 138 28.57 10.38 -3.32
N GLY B 139 27.84 11.47 -3.36
CA GLY B 139 27.00 11.78 -4.51
C GLY B 139 25.85 10.82 -4.73
N ALA B 140 25.14 10.47 -3.68
CA ALA B 140 23.99 9.58 -3.76
C ALA B 140 22.79 10.20 -3.07
N ILE B 141 21.62 10.07 -3.69
CA ILE B 141 20.37 10.57 -3.14
C ILE B 141 19.40 9.41 -3.01
N LYS B 142 18.69 9.36 -1.88
CA LYS B 142 17.81 8.24 -1.55
C LYS B 142 16.45 8.76 -1.10
N LEU B 143 15.42 7.96 -1.39
CA LEU B 143 14.08 8.27 -0.92
C LEU B 143 13.99 8.05 0.59
N ALA B 144 13.26 8.93 1.27
CA ALA B 144 13.11 8.85 2.71
C ALA B 144 11.69 9.26 3.09
N ASP B 145 11.39 9.15 4.39
CA ASP B 145 10.11 9.54 4.96
C ASP B 145 8.95 8.79 4.30
N PHE B 146 8.97 7.47 4.48
CA PHE B 146 7.92 6.60 3.96
C PHE B 146 6.75 6.45 4.92
N GLY B 147 6.57 7.42 5.84
CA GLY B 147 5.44 7.36 6.75
C GLY B 147 4.12 7.53 6.03
N LEU B 148 4.06 8.41 5.04
CA LEU B 148 2.86 8.62 4.24
C LEU B 148 2.72 7.60 3.12
N ALA B 149 3.68 6.68 2.97
CA ALA B 149 3.61 5.69 1.91
C ALA B 149 2.45 4.72 2.15
N ARG B 150 1.85 4.27 1.05
CA ARG B 150 0.72 3.35 1.10
C ARG B 150 0.98 2.17 0.16
N ALA B 151 0.43 1.02 0.53
CA ALA B 151 0.50 -0.17 -0.30
C ALA B 151 -0.70 -0.20 -1.25
N PHE B 152 -0.42 -0.22 -2.55
CA PHE B 152 -1.48 -0.18 -3.56
C PHE B 152 -1.62 -1.50 -4.30
N GLY B 153 -1.47 -2.61 -3.58
CA GLY B 153 -1.88 -3.89 -4.14
C GLY B 153 -3.34 -3.89 -4.54
N VAL B 154 -4.18 -3.25 -3.73
CA VAL B 154 -5.53 -2.86 -4.13
C VAL B 154 -5.49 -1.34 -4.30
N PRO B 155 -6.34 -0.74 -5.13
CA PRO B 155 -6.25 0.71 -5.37
C PRO B 155 -6.41 1.50 -4.07
N VAL B 156 -5.61 2.56 -3.96
CA VAL B 156 -5.55 3.38 -2.75
C VAL B 156 -6.49 4.57 -2.92
N ARG B 157 -7.49 4.67 -2.05
CA ARG B 157 -8.40 5.80 -2.08
C ARG B 157 -7.69 7.06 -1.60
N THR B 158 -8.04 8.19 -2.22
CA THR B 158 -7.44 9.46 -1.84
C THR B 158 -7.97 9.94 -0.49
N TYR B 159 -7.16 10.74 0.18
CA TYR B 159 -7.52 11.25 1.50
C TYR B 159 -8.43 12.47 1.40
N THR B 165 3.59 17.75 0.88
CA THR B 165 2.94 19.03 1.06
C THR B 165 2.00 19.33 -0.12
N LEU B 166 1.71 20.61 -0.33
CA LEU B 166 0.79 21.03 -1.38
C LEU B 166 1.50 21.40 -2.67
N TRP B 167 2.75 21.86 -2.58
CA TRP B 167 3.47 22.32 -3.77
C TRP B 167 3.70 21.19 -4.76
N TYR B 168 3.99 19.98 -4.26
CA TYR B 168 4.31 18.84 -5.11
C TYR B 168 3.13 17.88 -5.26
N ARG B 169 1.90 18.40 -5.13
CA ARG B 169 0.71 17.60 -5.30
C ARG B 169 0.28 17.57 -6.77
N ALA B 170 -0.11 16.39 -7.23
CA ALA B 170 -0.50 16.22 -8.62
C ALA B 170 -1.81 16.97 -8.90
N PRO B 171 -2.03 17.39 -10.15
CA PRO B 171 -3.30 18.08 -10.47
C PRO B 171 -4.52 17.21 -10.23
N GLU B 172 -4.41 15.90 -10.43
CA GLU B 172 -5.56 15.03 -10.21
C GLU B 172 -5.98 15.03 -8.75
N ILE B 173 -5.02 15.00 -7.82
CA ILE B 173 -5.35 15.02 -6.40
C ILE B 173 -6.07 16.32 -6.05
N LEU B 174 -5.58 17.44 -6.60
CA LEU B 174 -6.28 18.71 -6.41
C LEU B 174 -7.65 18.70 -7.09
N LEU B 175 -7.77 18.02 -8.23
CA LEU B 175 -9.03 17.93 -8.95
C LEU B 175 -9.85 16.71 -8.54
N GLY B 176 -10.04 16.55 -7.24
CA GLY B 176 -10.95 15.54 -6.72
C GLY B 176 -10.71 14.13 -7.18
N CYS B 177 -9.46 13.68 -7.19
CA CYS B 177 -9.15 12.31 -7.60
C CYS B 177 -9.70 11.33 -6.58
N LYS B 178 -10.25 10.22 -7.08
CA LYS B 178 -10.84 9.22 -6.20
C LYS B 178 -9.82 8.19 -5.73
N TYR B 179 -8.94 7.74 -6.62
CA TYR B 179 -7.94 6.73 -6.30
C TYR B 179 -6.54 7.27 -6.58
N TYR B 180 -5.61 6.97 -5.67
CA TYR B 180 -4.22 7.32 -5.89
C TYR B 180 -3.62 6.45 -6.99
N SER B 181 -2.63 7.00 -7.69
CA SER B 181 -1.93 6.31 -8.75
C SER B 181 -0.44 6.60 -8.65
N THR B 182 0.35 5.78 -9.36
CA THR B 182 1.80 5.99 -9.38
C THR B 182 2.18 7.28 -10.08
N ALA B 183 1.27 7.91 -10.82
CA ALA B 183 1.59 9.13 -11.53
C ALA B 183 1.79 10.32 -10.60
N VAL B 184 1.24 10.27 -9.39
CA VAL B 184 1.42 11.38 -8.45
C VAL B 184 2.88 11.45 -8.00
N ASP B 185 3.53 10.30 -7.81
CA ASP B 185 4.94 10.29 -7.49
C ASP B 185 5.78 10.85 -8.64
N ILE B 186 5.40 10.52 -9.87
CA ILE B 186 6.11 11.05 -11.03
C ILE B 186 5.93 12.56 -11.11
N TRP B 187 4.73 13.05 -10.82
CA TRP B 187 4.49 14.49 -10.81
C TRP B 187 5.34 15.18 -9.75
N SER B 188 5.39 14.60 -8.54
CA SER B 188 6.22 15.19 -7.48
C SER B 188 7.69 15.18 -7.87
N LEU B 189 8.16 14.09 -8.49
CA LEU B 189 9.55 14.01 -8.92
C LEU B 189 9.84 15.04 -10.01
N GLY B 190 8.89 15.26 -10.92
CA GLY B 190 9.07 16.28 -11.94
C GLY B 190 9.12 17.68 -11.35
N CYS B 191 8.28 17.95 -10.35
CA CYS B 191 8.34 19.22 -9.66
C CYS B 191 9.69 19.40 -8.96
N ILE B 192 10.20 18.34 -8.35
CA ILE B 192 11.52 18.39 -7.72
C ILE B 192 12.60 18.64 -8.76
N PHE B 193 12.48 18.00 -9.93
CA PHE B 193 13.43 18.20 -11.02
C PHE B 193 13.44 19.66 -11.48
N ALA B 194 12.26 20.24 -11.66
CA ALA B 194 12.18 21.64 -12.07
C ALA B 194 12.73 22.56 -10.99
N GLU B 195 12.48 22.24 -9.72
CA GLU B 195 13.01 23.04 -8.63
C GLU B 195 14.53 22.98 -8.59
N MET B 196 15.09 21.79 -8.83
CA MET B 196 16.55 21.65 -8.89
C MET B 196 17.12 22.44 -10.05
N VAL B 197 16.44 22.41 -11.20
CA VAL B 197 16.94 23.12 -12.37
C VAL B 197 16.92 24.63 -12.16
N THR B 198 15.79 25.15 -11.68
CA THR B 198 15.58 26.60 -11.60
C THR B 198 15.83 27.18 -10.21
N ARG B 199 16.18 26.35 -9.22
CA ARG B 199 16.41 26.81 -7.85
C ARG B 199 15.19 27.52 -7.28
N ARG B 200 13.99 27.11 -7.70
CA ARG B 200 12.75 27.73 -7.26
C ARG B 200 11.64 26.71 -7.36
N ALA B 201 10.70 26.78 -6.41
CA ALA B 201 9.53 25.91 -6.46
C ALA B 201 8.74 26.17 -7.72
N LEU B 202 8.38 25.09 -8.43
CA LEU B 202 7.66 25.24 -9.69
C LEU B 202 6.25 25.77 -9.46
N PHE B 203 5.54 25.20 -8.48
CA PHE B 203 4.17 25.59 -8.15
C PHE B 203 4.10 25.86 -6.65
N PRO B 204 4.54 27.04 -6.21
CA PRO B 204 4.47 27.38 -4.78
C PRO B 204 3.12 27.95 -4.39
N GLY B 205 2.07 27.16 -4.59
CA GLY B 205 0.73 27.62 -4.28
C GLY B 205 0.50 27.76 -2.79
N ASP B 206 -0.18 28.85 -2.41
CA ASP B 206 -0.51 29.06 -1.01
C ASP B 206 -1.67 28.19 -0.55
N SER B 207 -2.65 27.94 -1.42
CA SER B 207 -3.82 27.15 -1.10
C SER B 207 -4.06 26.14 -2.22
N GLU B 208 -5.11 25.33 -2.05
CA GLU B 208 -5.45 24.33 -3.06
C GLU B 208 -5.79 24.97 -4.39
N ILE B 209 -6.70 25.95 -4.38
CA ILE B 209 -7.07 26.61 -5.62
C ILE B 209 -5.91 27.46 -6.15
N ASP B 210 -5.10 28.04 -5.25
CA ASP B 210 -3.95 28.79 -5.70
C ASP B 210 -2.92 27.88 -6.38
N GLN B 211 -2.68 26.71 -5.80
CA GLN B 211 -1.77 25.75 -6.42
C GLN B 211 -2.30 25.29 -7.77
N LEU B 212 -3.61 25.02 -7.85
CA LEU B 212 -4.22 24.63 -9.12
C LEU B 212 -4.07 25.73 -10.16
N PHE B 213 -4.27 26.99 -9.76
CA PHE B 213 -4.17 28.09 -10.70
C PHE B 213 -2.73 28.30 -11.15
N ARG B 214 -1.76 28.10 -10.26
CA ARG B 214 -0.36 28.18 -10.67
C ARG B 214 -0.02 27.07 -11.66
N ILE B 215 -0.49 25.86 -11.41
CA ILE B 215 -0.26 24.76 -12.35
C ILE B 215 -0.89 25.08 -13.70
N PHE B 216 -2.11 25.61 -13.69
CA PHE B 216 -2.80 25.93 -14.95
C PHE B 216 -2.12 27.09 -15.67
N ARG B 217 -1.58 28.05 -14.94
CA ARG B 217 -0.85 29.14 -15.58
C ARG B 217 0.43 28.64 -16.24
N THR B 218 1.16 27.75 -15.55
CA THR B 218 2.42 27.26 -16.11
C THR B 218 2.18 26.33 -17.31
N LEU B 219 1.27 25.37 -17.16
CA LEU B 219 1.09 24.31 -18.15
C LEU B 219 -0.15 24.50 -19.01
N GLY B 220 -0.87 25.61 -18.87
CA GLY B 220 -2.09 25.79 -19.63
C GLY B 220 -3.27 25.13 -18.96
N THR B 221 -4.45 25.74 -19.06
CA THR B 221 -5.65 25.16 -18.46
C THR B 221 -5.98 23.85 -19.16
N PRO B 222 -6.17 22.75 -18.43
CA PRO B 222 -6.38 21.45 -19.08
C PRO B 222 -7.73 21.40 -19.81
N ASP B 223 -7.68 21.03 -21.08
CA ASP B 223 -8.88 20.83 -21.87
C ASP B 223 -9.29 19.36 -21.78
N GLU B 224 -10.24 18.95 -22.62
CA GLU B 224 -10.62 17.55 -22.68
C GLU B 224 -9.76 16.75 -23.65
N VAL B 225 -9.21 17.40 -24.68
CA VAL B 225 -8.34 16.71 -25.62
C VAL B 225 -7.00 16.36 -24.95
N VAL B 226 -6.42 17.32 -24.23
CA VAL B 226 -5.15 17.08 -23.57
C VAL B 226 -5.29 16.17 -22.37
N TRP B 227 -6.49 16.05 -21.81
CA TRP B 227 -6.75 15.23 -20.65
C TRP B 227 -8.22 14.84 -20.64
N PRO B 228 -8.58 13.62 -21.03
CA PRO B 228 -9.99 13.21 -20.97
C PRO B 228 -10.44 13.05 -19.53
N GLY B 229 -11.61 13.61 -19.22
CA GLY B 229 -12.24 13.45 -17.92
C GLY B 229 -12.07 14.59 -16.96
N VAL B 230 -11.49 15.72 -17.37
CA VAL B 230 -11.32 16.84 -16.46
C VAL B 230 -12.67 17.45 -16.08
N THR B 231 -13.56 17.59 -17.07
CA THR B 231 -14.84 18.25 -16.82
C THR B 231 -15.68 17.47 -15.82
N SER B 232 -15.69 16.15 -15.93
CA SER B 232 -16.48 15.30 -15.02
C SER B 232 -15.65 14.91 -13.79
N MET B 233 -15.16 15.93 -13.10
CA MET B 233 -14.37 15.72 -11.89
C MET B 233 -14.96 16.52 -10.74
N PRO B 234 -14.83 16.00 -9.51
CA PRO B 234 -15.49 16.66 -8.37
C PRO B 234 -15.01 18.08 -8.11
N ASP B 235 -13.73 18.37 -8.32
CA ASP B 235 -13.16 19.66 -7.94
C ASP B 235 -12.90 20.57 -9.14
N TYR B 236 -13.46 20.26 -10.30
CA TYR B 236 -13.32 21.11 -11.48
C TYR B 236 -14.57 21.98 -11.60
N LYS B 237 -14.35 23.28 -11.82
CA LYS B 237 -15.42 24.24 -11.98
C LYS B 237 -15.36 24.87 -13.36
N PRO B 238 -16.51 25.21 -13.95
CA PRO B 238 -16.48 25.90 -15.24
C PRO B 238 -15.83 27.28 -15.17
N SER B 239 -15.78 27.89 -13.99
CA SER B 239 -15.16 29.20 -13.81
C SER B 239 -13.65 29.06 -13.59
N PHE B 240 -13.00 28.48 -14.59
CA PHE B 240 -11.55 28.32 -14.60
C PHE B 240 -10.97 29.17 -15.73
N PRO B 241 -10.01 30.04 -15.44
CA PRO B 241 -9.40 30.85 -16.50
C PRO B 241 -8.76 29.97 -17.57
N LYS B 242 -8.95 30.37 -18.82
CA LYS B 242 -8.46 29.60 -19.97
C LYS B 242 -7.04 30.04 -20.31
N TRP B 243 -6.11 29.68 -19.42
CA TRP B 243 -4.72 30.03 -19.62
C TRP B 243 -4.11 29.18 -20.73
N ALA B 244 -3.10 29.75 -21.39
CA ALA B 244 -2.38 29.06 -22.46
C ALA B 244 -1.11 28.43 -21.91
N ARG B 245 -0.71 27.31 -22.53
CA ARG B 245 0.48 26.60 -22.08
C ARG B 245 1.72 27.44 -22.35
N GLN B 246 2.48 27.73 -21.29
CA GLN B 246 3.72 28.46 -21.45
C GLN B 246 4.78 27.59 -22.11
N ASP B 247 5.62 28.22 -22.93
CA ASP B 247 6.72 27.50 -23.55
C ASP B 247 7.69 26.99 -22.49
N PHE B 248 8.12 25.74 -22.65
CA PHE B 248 9.00 25.13 -21.66
C PHE B 248 10.39 25.75 -21.66
N SER B 249 10.75 26.50 -22.70
CA SER B 249 12.01 27.22 -22.70
C SER B 249 12.03 28.28 -21.60
N LYS B 250 10.91 28.96 -21.40
CA LYS B 250 10.83 29.96 -20.34
C LYS B 250 10.68 29.31 -18.97
N VAL B 251 10.04 28.14 -18.89
CA VAL B 251 9.83 27.49 -17.60
C VAL B 251 11.17 27.01 -17.03
N VAL B 252 11.96 26.32 -17.85
CA VAL B 252 13.26 25.81 -17.41
C VAL B 252 14.33 26.20 -18.42
N PRO B 253 14.81 27.44 -18.41
CA PRO B 253 15.83 27.87 -19.38
C PRO B 253 17.09 27.01 -19.35
N PRO B 254 17.63 26.66 -18.18
CA PRO B 254 18.88 25.86 -18.19
C PRO B 254 18.71 24.48 -18.81
N LEU B 255 17.50 23.93 -18.86
CA LEU B 255 17.31 22.58 -19.37
C LEU B 255 17.48 22.54 -20.89
N ASP B 256 18.05 21.45 -21.38
CA ASP B 256 18.24 21.25 -22.81
C ASP B 256 16.96 20.65 -23.40
N GLU B 257 17.03 20.25 -24.69
CA GLU B 257 15.86 19.70 -25.35
C GLU B 257 15.43 18.39 -24.72
N ASP B 258 16.38 17.49 -24.44
CA ASP B 258 16.04 16.22 -23.83
C ASP B 258 15.48 16.42 -22.43
N GLY B 259 16.10 17.29 -21.64
CA GLY B 259 15.58 17.56 -20.30
C GLY B 259 14.21 18.20 -20.33
N ARG B 260 14.00 19.13 -21.26
CA ARG B 260 12.69 19.77 -21.37
C ARG B 260 11.62 18.75 -21.77
N SER B 261 11.95 17.87 -22.72
CA SER B 261 10.99 16.83 -23.11
C SER B 261 10.68 15.90 -21.95
N LEU B 262 11.71 15.49 -21.20
CA LEU B 262 11.48 14.62 -20.05
C LEU B 262 10.61 15.31 -19.01
N LEU B 263 10.89 16.58 -18.72
CA LEU B 263 10.09 17.30 -17.74
C LEU B 263 8.65 17.46 -18.21
N SER B 264 8.44 17.72 -19.50
CA SER B 264 7.10 17.80 -20.03
C SER B 264 6.36 16.47 -19.89
N GLN B 265 7.06 15.36 -20.13
CA GLN B 265 6.42 14.05 -20.01
C GLN B 265 6.10 13.72 -18.55
N MET B 266 6.97 14.09 -17.61
CA MET B 266 6.69 13.84 -16.19
C MET B 266 5.62 14.78 -15.64
N LEU B 267 5.34 15.90 -16.30
CA LEU B 267 4.34 16.85 -15.86
C LEU B 267 3.06 16.76 -16.69
N HIS B 268 2.79 15.60 -17.28
CA HIS B 268 1.59 15.42 -18.08
C HIS B 268 0.35 15.52 -17.21
N TYR B 269 -0.68 16.21 -17.72
CA TYR B 269 -1.92 16.36 -16.97
C TYR B 269 -2.61 15.02 -16.77
N ASP B 270 -2.66 14.20 -17.81
CA ASP B 270 -3.32 12.90 -17.72
C ASP B 270 -2.47 11.92 -16.92
N PRO B 271 -2.96 11.39 -15.80
CA PRO B 271 -2.17 10.39 -15.07
C PRO B 271 -1.88 9.14 -15.89
N ASN B 272 -2.80 8.72 -16.77
CA ASN B 272 -2.56 7.54 -17.58
C ASN B 272 -1.52 7.78 -18.64
N LYS B 273 -1.47 8.99 -19.21
CA LYS B 273 -0.47 9.33 -20.22
C LYS B 273 0.80 9.89 -19.63
N ARG B 274 0.84 10.14 -18.32
CA ARG B 274 2.05 10.60 -17.67
C ARG B 274 3.10 9.49 -17.69
N ILE B 275 4.35 9.87 -17.91
CA ILE B 275 5.43 8.89 -17.98
C ILE B 275 5.61 8.20 -16.64
N SER B 276 6.11 6.98 -16.67
CA SER B 276 6.41 6.21 -15.47
C SER B 276 7.91 6.28 -15.17
N ALA B 277 8.26 5.85 -13.95
CA ALA B 277 9.66 5.86 -13.55
C ALA B 277 10.49 4.93 -14.43
N LYS B 278 9.97 3.74 -14.72
CA LYS B 278 10.68 2.79 -15.57
C LYS B 278 10.85 3.37 -16.99
N ALA B 279 9.81 4.00 -17.52
CA ALA B 279 9.93 4.61 -18.84
C ALA B 279 10.81 5.85 -18.81
N ALA B 280 10.78 6.61 -17.71
CA ALA B 280 11.63 7.79 -17.60
C ALA B 280 13.10 7.41 -17.52
N LEU B 281 13.41 6.26 -16.92
CA LEU B 281 14.80 5.81 -16.83
C LEU B 281 15.41 5.53 -18.20
N ALA B 282 14.57 5.24 -19.21
CA ALA B 282 15.03 4.96 -20.55
C ALA B 282 15.06 6.20 -21.44
N HIS B 283 14.78 7.38 -20.88
CA HIS B 283 14.76 8.60 -21.66
C HIS B 283 16.16 8.93 -22.17
N PRO B 284 16.27 9.56 -23.35
CA PRO B 284 17.59 9.98 -23.83
C PRO B 284 18.28 11.00 -22.95
N PHE B 285 17.55 11.64 -22.03
CA PHE B 285 18.16 12.58 -21.10
C PHE B 285 19.22 11.91 -20.23
N PHE B 286 19.08 10.61 -19.98
CA PHE B 286 19.98 9.89 -19.11
C PHE B 286 21.04 9.08 -19.87
N GLN B 287 21.19 9.32 -21.17
CA GLN B 287 22.17 8.57 -21.96
C GLN B 287 23.61 8.94 -21.59
N ASP B 288 23.81 10.05 -20.88
CA ASP B 288 25.14 10.47 -20.45
C ASP B 288 25.19 10.70 -18.95
N VAL B 289 24.36 9.96 -18.20
CA VAL B 289 24.29 10.15 -16.75
C VAL B 289 25.56 9.61 -16.10
N THR B 290 26.06 10.35 -15.11
CA THR B 290 27.24 9.94 -14.35
C THR B 290 26.92 9.96 -12.86
N LYS B 291 27.93 9.83 -12.00
CA LYS B 291 27.75 9.86 -10.55
C LYS B 291 28.73 10.86 -9.93
N PRO B 292 28.46 12.15 -10.05
CA PRO B 292 29.32 13.15 -9.43
C PRO B 292 28.99 13.35 -7.95
N VAL B 293 29.97 13.87 -7.23
CA VAL B 293 29.81 14.20 -5.81
C VAL B 293 29.14 15.56 -5.71
N PRO B 294 28.43 15.87 -4.61
CA PRO B 294 27.79 17.18 -4.46
C PRO B 294 28.73 18.23 -3.89
N ASN C 2 -25.91 -8.04 16.40
CA ASN C 2 -25.05 -7.14 15.62
C ASN C 2 -23.59 -7.58 15.70
N ALA C 3 -22.69 -6.65 15.40
CA ALA C 3 -21.26 -6.94 15.42
C ALA C 3 -20.64 -6.81 16.81
N ARG C 4 -21.37 -6.24 17.78
CA ARG C 4 -20.86 -6.09 19.13
C ARG C 4 -21.31 -7.29 19.96
N ARG C 5 -20.36 -8.17 20.25
CA ARG C 5 -20.67 -9.36 21.05
C ARG C 5 -19.38 -9.93 21.61
N SER C 6 -19.48 -10.51 22.80
CA SER C 6 -18.38 -11.26 23.40
C SER C 6 -18.54 -12.72 23.04
N ILE C 7 -17.58 -13.25 22.29
CA ILE C 7 -17.69 -14.61 21.77
C ILE C 7 -17.37 -15.59 22.90
N ASN C 8 -18.32 -16.49 23.18
CA ASN C 8 -18.12 -17.55 24.16
C ASN C 8 -17.58 -18.76 23.43
N PHE C 9 -16.25 -18.80 23.28
CA PHE C 9 -15.62 -19.90 22.54
C PHE C 9 -15.75 -21.22 23.27
N GLY C 10 -15.87 -21.20 24.60
CA GLY C 10 -16.00 -22.41 25.37
C GLY C 10 -17.39 -23.03 25.28
#